data_3W12
#
_entry.id   3W12
#
_cell.length_a   169.488
_cell.length_b   169.488
_cell.length_c   169.488
_cell.angle_alpha   90.000
_cell.angle_beta   90.000
_cell.angle_gamma   90.000
#
_symmetry.space_group_name_H-M   'P 2 3'
#
loop_
_entity.id
_entity.type
_entity.pdbx_description
1 polymer 'Insulin receptor domains L1-CR'
2 polymer 'monoclonal antibody fab 83-7 fragment - heavy chain'
3 polymer 'monoclonal antibody fab 83-7 fragment - light chain'
4 polymer 'Insulin A chain'
5 polymer 'Insulin B chain'
6 polymer 'Insulin receptor alpha-CT peptide'
7 branched alpha-D-mannopyranose-(1-3)-beta-D-mannopyranose-(1-4)-2-acetamido-2-deoxy-beta-D-glucopyranose-(1-4)-2-acetamido-2-deoxy-beta-D-glucopyranose
8 branched beta-D-mannopyranose-(1-4)-2-acetamido-2-deoxy-beta-D-glucopyranose-(1-4)-2-acetamido-2-deoxy-beta-D-glucopyranose
9 non-polymer 2-acetamido-2-deoxy-beta-D-glucopyranose
#
loop_
_entity_poly.entity_id
_entity_poly.type
_entity_poly.pdbx_seq_one_letter_code
_entity_poly.pdbx_strand_id
1 'polypeptide(L)'
;HLYPGEVCPGMDIRNNLTRLHELENCSVIEGHLQILLMFKTRPEDFRDLSFPKLIMITDYLLLFRVYGLESLKDLFPNLT
VIRGSRLFFNYALVIFEMVHLKELGLYNLMNITRGSVRIEKNNELCYLATIDWSRILDSVEDNHIVLNKDDNEECGDICP
GTAKGKTNCPATVINGQFVERCWTHSHCQKVCPTICKSHGCTAEGLCCHSECLGNCSQPDDPTKCVACRNFYLDGRCVET
CPPPYYHFQDWRCVNFSFCQDLHHKCKNSRRQGCHQYVIHNNKCIPECPSGYTMNSSNLLCTPCLGPCPK
;
E
2 'polypeptide(L)'
;QVQLKESGPGLVAPSQSLSITCTVSGFPLTAYGVNWVRQPPGKGLEWLGMIWGDGNTDYNSALKSRLSISKDNSKSQVFL
KMNSLQTDDTARYYCARDPYGSKPMDYWGQGTSVTV
;
C
3 'polypeptide(L)'
;DIVMSQSPSSLVVSVGEKVTMSCKSSQSLLYSSNQKNFLAWYQQKPGQSPKLLIYWASTRESGVPDRFTGSGSGTDFTLT
ISSVKAEDLAVYYCQQYFRYRTFGGGTKLEIKRA
;
D
4 'polypeptide(L)' GIVEQCCTSICSLYQLENYCN A
5 'polypeptide(L)' FVNQHLCGSHLVEALYLVCGERGFF(PR9) B
6 'polypeptide(L)' TFEDYLHNVVFVPRPS F
#
loop_
_chem_comp.id
_chem_comp.type
_chem_comp.name
_chem_comp.formula
BMA D-saccharide, beta linking beta-D-mannopyranose 'C6 H12 O6'
MAN D-saccharide, alpha linking alpha-D-mannopyranose 'C6 H12 O6'
NAG D-saccharide, beta linking 2-acetamido-2-deoxy-beta-D-glucopyranose 'C8 H15 N O6'
#
# COMPACT_ATOMS: atom_id res chain seq x y z
N GLY A 5 5.86 -0.84 13.10
CA GLY A 5 5.69 -0.17 14.43
C GLY A 5 4.48 -0.66 15.21
N GLU A 6 3.42 0.15 15.24
CA GLU A 6 2.12 -0.27 15.77
C GLU A 6 1.00 0.36 14.92
N VAL A 7 -0.10 -0.36 14.79
CA VAL A 7 -1.32 0.20 14.26
C VAL A 7 -2.36 0.27 15.38
N CYS A 8 -2.84 1.49 15.68
CA CYS A 8 -3.82 1.69 16.75
C CYS A 8 -5.10 2.37 16.24
N PRO A 9 -6.12 2.50 17.10
CA PRO A 9 -7.42 2.95 16.62
C PRO A 9 -7.52 4.47 16.50
N GLY A 10 -8.50 4.95 15.74
CA GLY A 10 -8.75 6.39 15.62
C GLY A 10 -9.16 6.95 16.95
N MET A 11 -8.46 7.96 17.46
CA MET A 11 -8.70 8.43 18.82
C MET A 11 -9.26 9.83 18.97
N ASP A 12 -9.88 10.04 20.14
CA ASP A 12 -10.58 11.27 20.45
C ASP A 12 -10.12 11.75 21.83
N ILE A 13 -9.21 12.72 21.86
CA ILE A 13 -8.53 13.12 23.11
C ILE A 13 -8.91 14.53 23.59
N ARG A 14 -9.45 14.60 24.81
CA ARG A 14 -10.09 15.80 25.39
C ARG A 14 -9.76 16.00 26.88
N ASN A 15 -9.84 17.25 27.31
CA ASN A 15 -9.77 17.66 28.73
C ASN A 15 -8.41 17.54 29.43
N ASN A 16 -8.06 16.33 29.87
CA ASN A 16 -6.74 16.04 30.46
C ASN A 16 -5.76 15.59 29.38
N LEU A 17 -4.51 16.04 29.45
CA LEU A 17 -3.45 15.58 28.55
C LEU A 17 -3.08 14.13 28.79
N THR A 18 -3.45 13.64 29.97
CA THR A 18 -3.09 12.30 30.46
C THR A 18 -3.47 11.18 29.48
N ARG A 19 -4.65 11.31 28.86
CA ARG A 19 -5.15 10.37 27.85
C ARG A 19 -4.20 10.24 26.63
N LEU A 20 -3.32 11.22 26.46
CA LEU A 20 -2.44 11.28 25.29
C LEU A 20 -1.37 10.20 25.26
N HIS A 21 -1.11 9.59 26.41
CA HIS A 21 -0.08 8.55 26.52
C HIS A 21 -0.46 7.23 25.87
N GLU A 22 -1.75 7.10 25.52
CA GLU A 22 -2.29 5.95 24.81
C GLU A 22 -1.69 5.77 23.41
N LEU A 23 -1.03 6.82 22.92
CA LEU A 23 -0.48 6.81 21.57
C LEU A 23 1.00 6.48 21.49
N GLU A 24 1.65 6.31 22.64
CA GLU A 24 3.12 6.38 22.70
C GLU A 24 3.95 5.48 21.76
N ASN A 25 3.47 4.27 21.47
CA ASN A 25 4.24 3.32 20.62
C ASN A 25 3.73 3.22 19.19
N CYS A 26 2.65 3.94 18.91
CA CYS A 26 1.94 3.92 17.62
C CYS A 26 2.73 4.49 16.40
N SER A 27 2.58 3.84 15.24
CA SER A 27 3.22 4.29 14.00
C SER A 27 2.18 4.70 12.99
N VAL A 28 1.08 3.95 12.96
CA VAL A 28 -0.06 4.28 12.14
C VAL A 28 -1.28 4.28 13.01
N ILE A 29 -2.03 5.38 12.95
CA ILE A 29 -3.36 5.43 13.50
C ILE A 29 -4.39 5.09 12.41
N GLU A 30 -5.09 3.99 12.61
CA GLU A 30 -6.05 3.51 11.63
C GLU A 30 -7.35 4.16 11.99
N GLY A 31 -7.68 5.20 11.24
CA GLY A 31 -8.78 6.08 11.56
C GLY A 31 -8.30 7.51 11.69
N HIS A 32 -8.98 8.29 12.52
CA HIS A 32 -8.63 9.68 12.66
C HIS A 32 -7.99 9.99 14.00
N LEU A 33 -7.39 11.17 14.08
CA LEU A 33 -6.91 11.63 15.36
C LEU A 33 -7.47 13.00 15.62
N GLN A 34 -8.14 13.12 16.77
CA GLN A 34 -8.78 14.36 17.18
C GLN A 34 -8.34 14.75 18.60
N ILE A 35 -7.66 15.89 18.70
CA ILE A 35 -7.26 16.40 19.99
C ILE A 35 -7.89 17.76 20.20
N LEU A 36 -8.67 17.91 21.26
CA LEU A 36 -9.52 19.08 21.40
C LEU A 36 -9.80 19.46 22.84
N LEU A 37 -10.33 20.66 22.99
CA LEU A 37 -10.88 21.09 24.26
C LEU A 37 -9.97 20.88 25.48
N MET A 38 -8.81 21.52 25.48
CA MET A 38 -8.01 21.52 26.69
C MET A 38 -7.75 22.95 27.10
N PHE A 39 -8.46 23.38 28.13
CA PHE A 39 -8.48 24.79 28.55
C PHE A 39 -7.49 25.17 29.66
N LYS A 40 -7.02 24.20 30.42
CA LYS A 40 -6.08 24.48 31.51
C LYS A 40 -4.63 24.11 31.19
N THR A 41 -4.35 23.76 29.94
CA THR A 41 -2.99 23.42 29.54
C THR A 41 -2.12 24.66 29.32
N ARG A 42 -0.81 24.48 29.55
CA ARG A 42 0.14 25.57 29.53
C ARG A 42 1.34 25.16 28.68
N PRO A 43 2.08 26.15 28.12
CA PRO A 43 3.28 25.89 27.33
C PRO A 43 4.16 24.76 27.87
N GLU A 44 4.36 24.73 29.19
CA GLU A 44 5.34 23.83 29.80
C GLU A 44 4.92 22.37 29.83
N ASP A 45 3.62 22.12 29.65
CA ASP A 45 3.13 20.75 29.50
C ASP A 45 3.50 20.12 28.15
N PHE A 46 3.94 20.97 27.23
CA PHE A 46 4.33 20.57 25.88
C PHE A 46 5.82 20.67 25.60
N ARG A 47 6.56 21.36 26.47
CA ARG A 47 7.97 21.56 26.18
C ARG A 47 8.83 20.30 26.42
N ASP A 48 8.19 19.25 26.95
CA ASP A 48 8.83 17.95 27.19
C ASP A 48 8.13 16.79 26.44
N LEU A 49 7.24 17.11 25.50
CA LEU A 49 6.32 16.11 24.95
C LEU A 49 6.44 15.92 23.44
N SER A 50 6.42 14.66 23.00
CA SER A 50 6.62 14.33 21.60
C SER A 50 6.01 12.99 21.16
N PHE A 51 5.65 12.91 19.88
CA PHE A 51 5.25 11.64 19.28
C PHE A 51 5.97 11.42 17.94
N PRO A 52 7.27 11.08 17.99
CA PRO A 52 8.09 10.97 16.78
C PRO A 52 7.84 9.65 16.05
N LYS A 53 7.09 8.77 16.69
CA LYS A 53 6.84 7.43 16.15
C LYS A 53 5.68 7.43 15.19
N LEU A 54 4.78 8.41 15.32
CA LEU A 54 3.65 8.50 14.42
C LEU A 54 4.08 8.98 13.03
N ILE A 55 3.80 8.14 12.05
CA ILE A 55 4.24 8.33 10.69
C ILE A 55 3.05 8.53 9.78
N MET A 56 1.95 7.85 10.08
CA MET A 56 0.77 7.96 9.25
C MET A 56 -0.58 7.95 9.99
N ILE A 57 -1.51 8.78 9.51
CA ILE A 57 -2.92 8.79 9.92
C ILE A 57 -3.79 8.48 8.70
N THR A 58 -4.66 7.51 8.85
CA THR A 58 -5.40 6.97 7.73
C THR A 58 -6.55 7.88 7.30
N ASP A 59 -7.20 8.53 8.26
CA ASP A 59 -8.35 9.37 7.94
C ASP A 59 -7.98 10.85 7.93
N TYR A 60 -8.15 11.52 9.08
CA TYR A 60 -7.88 12.95 9.16
C TYR A 60 -7.24 13.37 10.48
N LEU A 61 -6.59 14.53 10.44
CA LEU A 61 -6.03 15.15 11.63
C LEU A 61 -6.72 16.45 12.02
N LEU A 62 -7.12 16.52 13.28
CA LEU A 62 -7.99 17.56 13.77
C LEU A 62 -7.57 18.08 15.14
N LEU A 63 -7.25 19.38 15.17
CA LEU A 63 -6.86 20.07 16.40
C LEU A 63 -7.73 21.29 16.63
N PHE A 64 -8.28 21.41 17.84
CA PHE A 64 -9.27 22.45 18.15
C PHE A 64 -9.30 22.87 19.61
N ARG A 65 -9.00 24.14 19.85
CA ARG A 65 -8.97 24.72 21.18
C ARG A 65 -8.07 23.95 22.15
N VAL A 66 -6.81 23.80 21.76
CA VAL A 66 -5.79 23.27 22.66
C VAL A 66 -4.79 24.40 23.01
N TYR A 67 -4.84 24.82 24.28
CA TYR A 67 -4.09 25.98 24.77
C TYR A 67 -2.69 25.65 25.26
N GLY A 68 -1.81 26.65 25.20
CA GLY A 68 -0.40 26.49 25.55
C GLY A 68 0.41 25.85 24.42
N LEU A 69 -0.26 25.43 23.35
CA LEU A 69 0.45 24.78 22.24
C LEU A 69 0.86 25.78 21.18
N GLU A 70 2.18 25.85 20.98
CA GLU A 70 2.81 26.93 20.23
C GLU A 70 3.40 26.51 18.88
N SER A 71 3.84 25.26 18.81
CA SER A 71 4.28 24.65 17.55
C SER A 71 3.97 23.16 17.59
N LEU A 72 3.84 22.54 16.42
CA LEU A 72 3.58 21.09 16.34
C LEU A 72 4.86 20.31 16.04
N LYS A 73 5.94 21.06 15.87
CA LYS A 73 7.23 20.50 15.49
C LYS A 73 7.80 19.47 16.48
N ASP A 74 7.37 19.57 17.74
CA ASP A 74 7.77 18.60 18.73
C ASP A 74 6.63 17.65 19.04
N LEU A 75 5.39 18.06 18.82
CA LEU A 75 4.28 17.12 18.93
C LEU A 75 4.23 15.98 17.89
N PHE A 76 4.14 16.31 16.59
CA PHE A 76 4.18 15.28 15.52
C PHE A 76 5.23 15.53 14.45
N PRO A 77 6.52 15.47 14.84
CA PRO A 77 7.59 15.84 13.92
C PRO A 77 7.68 14.93 12.68
N ASN A 78 7.30 13.66 12.84
CA ASN A 78 7.55 12.65 11.81
C ASN A 78 6.30 12.10 11.11
N LEU A 79 5.15 12.69 11.36
CA LEU A 79 3.96 12.40 10.56
C LEU A 79 4.26 12.79 9.10
N THR A 80 4.11 11.81 8.19
CA THR A 80 4.53 12.02 6.79
C THR A 80 3.39 11.96 5.77
N VAL A 81 2.38 11.13 6.06
CA VAL A 81 1.20 11.07 5.21
C VAL A 81 -0.05 11.07 6.02
N ILE A 82 -1.04 11.79 5.52
CA ILE A 82 -2.40 11.69 5.98
C ILE A 82 -3.16 11.18 4.77
N ARG A 83 -3.85 10.05 4.92
CA ARG A 83 -4.45 9.36 3.77
C ARG A 83 -5.86 9.82 3.35
N GLY A 84 -6.63 10.34 4.31
CA GLY A 84 -7.95 10.89 4.02
C GLY A 84 -8.95 9.91 3.44
N SER A 85 -8.94 8.67 3.94
CA SER A 85 -9.97 7.67 3.59
C SER A 85 -11.38 8.14 4.04
N ARG A 86 -11.44 8.73 5.23
CA ARG A 86 -12.59 9.50 5.69
C ARG A 86 -12.14 10.91 5.96
N LEU A 87 -13.04 11.86 5.66
CA LEU A 87 -12.74 13.27 5.84
C LEU A 87 -13.70 13.88 6.82
N PHE A 88 -13.21 14.92 7.47
CA PHE A 88 -14.00 15.75 8.32
C PHE A 88 -14.53 16.93 7.46
N PHE A 89 -15.82 16.88 7.13
CA PHE A 89 -16.44 17.65 6.02
C PHE A 89 -15.71 17.27 4.72
N ASN A 90 -14.81 18.12 4.23
CA ASN A 90 -14.00 17.80 3.06
C ASN A 90 -12.54 17.82 3.44
N TYR A 91 -12.27 17.88 4.73
CA TYR A 91 -10.92 18.15 5.17
C TYR A 91 -10.22 16.94 5.72
N ALA A 92 -8.93 16.84 5.42
CA ALA A 92 -8.05 15.83 5.99
C ALA A 92 -7.15 16.47 7.04
N LEU A 93 -7.14 17.80 7.09
CA LEU A 93 -6.42 18.53 8.13
C LEU A 93 -7.24 19.71 8.62
N VAL A 94 -7.61 19.70 9.91
CA VAL A 94 -8.35 20.84 10.51
C VAL A 94 -7.63 21.46 11.70
N ILE A 95 -7.16 22.70 11.51
CA ILE A 95 -6.48 23.46 12.56
C ILE A 95 -7.31 24.70 12.91
N PHE A 96 -7.98 24.65 14.05
CA PHE A 96 -9.07 25.57 14.29
C PHE A 96 -9.21 26.14 15.70
N GLU A 97 -9.39 27.46 15.76
CA GLU A 97 -9.31 28.22 16.99
C GLU A 97 -8.22 27.62 17.87
N MET A 98 -7.05 27.47 17.25
CA MET A 98 -5.84 27.02 17.91
C MET A 98 -5.08 28.24 18.38
N VAL A 99 -5.65 28.82 19.42
CA VAL A 99 -5.06 29.94 20.05
C VAL A 99 -3.74 29.47 20.63
N HIS A 100 -2.71 30.26 20.36
CA HIS A 100 -1.33 30.07 20.83
C HIS A 100 -0.38 29.51 19.80
N LEU A 101 -0.93 28.89 18.75
CA LEU A 101 -0.10 28.33 17.71
C LEU A 101 0.59 29.43 16.90
N LYS A 102 1.91 29.35 16.83
CA LYS A 102 2.72 30.36 16.13
C LYS A 102 3.11 29.90 14.73
N GLU A 103 3.36 28.60 14.61
CA GLU A 103 3.99 27.99 13.44
C GLU A 103 3.51 26.55 13.40
N LEU A 104 3.51 25.96 12.20
CA LEU A 104 3.00 24.61 12.04
C LEU A 104 4.01 23.52 12.41
N GLY A 105 5.09 23.44 11.65
CA GLY A 105 6.21 22.56 12.00
C GLY A 105 6.01 21.08 11.72
N LEU A 106 5.14 20.77 10.76
CA LEU A 106 5.04 19.39 10.25
C LEU A 106 6.01 19.25 9.08
N TYR A 107 7.29 19.43 9.38
CA TYR A 107 8.32 19.51 8.35
C TYR A 107 8.52 18.21 7.60
N ASN A 108 7.82 17.17 8.08
CA ASN A 108 7.86 15.86 7.46
C ASN A 108 6.62 15.47 6.64
N LEU A 109 5.60 16.30 6.68
CA LEU A 109 4.37 16.04 5.92
C LEU A 109 4.53 16.26 4.42
N MET A 110 4.50 15.16 3.68
CA MET A 110 4.82 15.20 2.27
C MET A 110 3.60 15.09 1.36
N ASN A 111 2.53 14.48 1.89
CA ASN A 111 1.35 14.16 1.10
C ASN A 111 0.10 13.94 1.97
N ILE A 112 -0.95 14.67 1.59
CA ILE A 112 -2.31 14.42 2.05
C ILE A 112 -3.12 13.91 0.87
N THR A 113 -3.17 12.60 0.84
CA THR A 113 -3.97 11.82 -0.05
C THR A 113 -5.42 12.24 0.18
N ARG A 114 -6.16 12.37 -0.92
CA ARG A 114 -7.59 12.76 -0.91
C ARG A 114 -7.83 14.21 -0.39
N GLY A 115 -8.27 14.36 0.87
CA GLY A 115 -8.75 15.64 1.46
C GLY A 115 -8.18 17.03 1.14
N SER A 116 -8.68 18.05 1.83
CA SER A 116 -8.21 19.46 1.76
C SER A 116 -7.83 19.99 3.15
N VAL A 117 -7.22 21.16 3.21
CA VAL A 117 -6.80 21.73 4.48
C VAL A 117 -7.69 22.90 4.88
N ARG A 118 -8.19 22.89 6.11
CA ARG A 118 -8.86 24.07 6.71
C ARG A 118 -8.17 24.55 7.97
N ILE A 119 -7.50 25.69 7.88
CA ILE A 119 -6.79 26.29 8.99
C ILE A 119 -7.33 27.68 9.23
N GLU A 120 -8.13 27.83 10.29
CA GLU A 120 -8.91 29.05 10.48
C GLU A 120 -8.90 29.58 11.91
N LYS A 121 -8.95 30.91 12.05
CA LYS A 121 -9.14 31.61 13.35
C LYS A 121 -8.04 31.31 14.35
N ASN A 122 -6.82 31.33 13.84
CA ASN A 122 -5.68 31.06 14.66
C ASN A 122 -4.87 32.33 14.71
N ASN A 123 -5.30 33.24 15.56
CA ASN A 123 -4.47 34.37 15.91
C ASN A 123 -3.21 33.78 16.52
N GLU A 124 -2.10 34.48 16.29
CA GLU A 124 -0.74 34.00 16.59
C GLU A 124 -0.08 33.27 15.41
N LEU A 125 -0.87 32.67 14.52
CA LEU A 125 -0.32 31.76 13.51
C LEU A 125 0.30 32.42 12.28
N CYS A 126 1.62 32.22 12.10
CA CYS A 126 2.34 32.58 10.86
C CYS A 126 2.95 31.32 10.20
N TYR A 127 3.92 31.53 9.30
CA TYR A 127 4.58 30.46 8.55
C TYR A 127 3.54 29.58 7.78
N LEU A 128 2.57 30.26 7.17
CA LEU A 128 1.51 29.63 6.38
C LEU A 128 1.70 29.92 4.93
N ALA A 129 1.94 31.20 4.61
CA ALA A 129 2.18 31.63 3.22
C ALA A 129 3.58 31.21 2.77
N THR A 130 4.36 30.66 3.70
CA THR A 130 5.69 30.09 3.40
C THR A 130 5.65 28.59 3.01
N ILE A 131 4.45 28.05 2.90
CA ILE A 131 4.23 26.64 2.50
C ILE A 131 3.62 26.58 1.10
N ASP A 132 4.22 25.79 0.23
CA ASP A 132 3.58 25.49 -1.07
C ASP A 132 2.70 24.26 -0.88
N TRP A 133 1.40 24.51 -0.78
CA TRP A 133 0.47 23.44 -0.49
C TRP A 133 0.27 22.47 -1.61
N SER A 134 0.52 22.95 -2.82
CA SER A 134 0.38 22.14 -4.03
C SER A 134 1.36 20.96 -4.05
N ARG A 135 2.35 21.00 -3.17
CA ARG A 135 3.33 19.91 -3.02
C ARG A 135 2.88 18.87 -2.00
N ILE A 136 1.75 19.15 -1.36
CA ILE A 136 1.19 18.25 -0.36
C ILE A 136 -0.20 17.78 -0.76
N LEU A 137 -1.05 18.68 -1.25
CA LEU A 137 -2.38 18.25 -1.59
C LEU A 137 -2.64 18.26 -3.04
N ASP A 138 -3.33 17.22 -3.45
CA ASP A 138 -3.85 17.10 -4.79
C ASP A 138 -4.68 18.33 -5.13
N SER A 139 -5.80 18.48 -4.43
CA SER A 139 -6.71 19.59 -4.67
C SER A 139 -6.58 20.66 -3.59
N VAL A 140 -6.02 21.81 -3.99
CA VAL A 140 -5.80 22.91 -3.07
C VAL A 140 -6.84 23.97 -3.33
N GLU A 141 -7.63 23.76 -4.37
CA GLU A 141 -8.70 24.67 -4.77
C GLU A 141 -9.62 24.92 -3.60
N ASP A 142 -9.86 23.85 -2.83
CA ASP A 142 -10.82 23.86 -1.76
C ASP A 142 -10.15 24.06 -0.40
N ASN A 143 -8.87 24.45 -0.41
CA ASN A 143 -8.18 24.91 0.80
C ASN A 143 -8.80 26.16 1.40
N HIS A 144 -8.86 26.21 2.72
CA HIS A 144 -9.59 27.23 3.43
C HIS A 144 -8.84 27.77 4.64
N ILE A 145 -7.87 28.63 4.34
CA ILE A 145 -6.93 29.13 5.32
C ILE A 145 -7.17 30.63 5.47
N VAL A 146 -7.97 31.02 6.44
CA VAL A 146 -8.27 32.44 6.69
C VAL A 146 -8.16 32.85 8.16
N LEU A 147 -8.12 34.17 8.38
CA LEU A 147 -8.21 34.77 9.72
C LEU A 147 -7.14 34.24 10.68
N ASN A 148 -5.92 34.15 10.18
CA ASN A 148 -4.79 33.85 11.01
C ASN A 148 -3.99 35.13 11.06
N LYS A 149 -3.02 35.20 11.96
CA LYS A 149 -2.16 36.39 12.02
C LYS A 149 -1.52 36.72 10.65
N ASP A 150 -1.23 35.67 9.88
CA ASP A 150 -0.65 35.74 8.52
C ASP A 150 -1.46 36.61 7.51
N ASP A 151 -2.76 36.71 7.73
CA ASP A 151 -3.64 37.50 6.86
C ASP A 151 -3.56 38.99 7.14
N ASN A 152 -2.73 39.37 8.12
CA ASN A 152 -2.56 40.77 8.49
C ASN A 152 -1.36 41.41 7.80
N GLU A 153 -0.90 40.79 6.71
CA GLU A 153 0.29 41.22 5.96
C GLU A 153 1.48 41.53 6.89
N GLU A 154 1.33 41.22 8.18
CA GLU A 154 2.32 41.59 9.19
C GLU A 154 2.91 40.37 9.92
N CYS A 155 3.74 39.59 9.21
CA CYS A 155 4.36 38.40 9.80
C CYS A 155 5.90 38.46 9.72
N GLY A 156 6.55 38.16 10.84
CA GLY A 156 8.00 38.00 10.88
C GLY A 156 8.44 36.59 10.47
N ASP A 157 8.15 36.21 9.22
CA ASP A 157 8.56 34.89 8.71
C ASP A 157 10.01 34.90 8.23
N ILE A 158 10.84 34.03 8.81
CA ILE A 158 12.29 33.88 8.45
C ILE A 158 12.78 32.42 8.30
N CYS A 159 13.55 32.13 7.23
CA CYS A 159 14.14 30.79 6.99
C CYS A 159 15.67 30.81 7.00
N ASN A 168 18.20 29.73 1.40
CA ASN A 168 18.52 28.32 1.57
C ASN A 168 17.49 27.45 0.89
N CYS A 169 16.22 27.64 1.30
CA CYS A 169 15.09 26.88 0.81
C CYS A 169 14.79 27.22 -0.66
N PRO A 170 13.89 26.44 -1.31
CA PRO A 170 13.48 26.75 -2.68
C PRO A 170 12.28 27.70 -2.77
N ALA A 171 12.13 28.33 -3.94
CA ALA A 171 10.99 29.20 -4.21
C ALA A 171 10.13 28.65 -5.34
N THR A 172 8.82 28.70 -5.14
CA THR A 172 7.88 28.28 -6.16
C THR A 172 7.07 29.45 -6.68
N VAL A 173 6.48 29.23 -7.85
CA VAL A 173 5.61 30.20 -8.46
C VAL A 173 4.18 29.77 -8.15
N ILE A 174 3.64 30.35 -7.08
CA ILE A 174 2.23 30.24 -6.75
C ILE A 174 1.56 31.56 -7.08
N ASN A 175 2.28 32.66 -6.86
CA ASN A 175 1.75 34.00 -7.06
C ASN A 175 2.23 34.68 -8.35
N GLY A 176 2.73 35.91 -8.20
CA GLY A 176 3.35 36.67 -9.29
C GLY A 176 4.81 36.98 -8.96
N GLN A 177 5.35 36.17 -8.05
CA GLN A 177 6.75 36.16 -7.64
C GLN A 177 7.08 34.81 -7.01
N PHE A 178 8.35 34.43 -7.06
CA PHE A 178 8.81 33.21 -6.41
C PHE A 178 8.83 33.44 -4.91
N VAL A 179 8.66 32.36 -4.14
CA VAL A 179 8.55 32.49 -2.68
C VAL A 179 9.27 31.35 -1.98
N GLU A 180 10.30 31.71 -1.22
CA GLU A 180 11.04 30.77 -0.37
C GLU A 180 10.05 30.01 0.54
N ARG A 181 10.24 28.69 0.66
CA ARG A 181 9.27 27.82 1.34
C ARG A 181 9.83 27.06 2.56
N CYS A 182 9.30 27.37 3.74
CA CYS A 182 9.77 26.73 4.98
C CYS A 182 8.70 26.67 6.07
N TRP A 183 8.92 25.78 7.03
CA TRP A 183 7.97 25.47 8.11
C TRP A 183 8.28 26.28 9.37
N THR A 184 9.55 26.24 9.79
CA THR A 184 10.08 27.03 10.93
C THR A 184 11.39 27.71 10.54
N HIS A 185 11.92 28.56 11.43
CA HIS A 185 13.21 29.24 11.20
C HIS A 185 14.32 28.25 10.83
N SER A 186 14.22 27.04 11.39
CA SER A 186 15.26 26.00 11.25
C SER A 186 14.89 24.75 10.39
N HIS A 187 13.72 24.77 9.75
CA HIS A 187 13.30 23.68 8.83
C HIS A 187 12.75 24.21 7.50
N CYS A 188 13.39 23.81 6.38
CA CYS A 188 12.89 24.10 5.03
C CYS A 188 11.81 23.10 4.67
N GLN A 189 10.91 23.47 3.75
CA GLN A 189 9.97 22.50 3.17
C GLN A 189 10.74 21.63 2.20
N LYS A 190 10.60 20.31 2.35
CA LYS A 190 11.26 19.41 1.43
C LYS A 190 10.48 19.36 0.11
N VAL A 191 11.19 19.55 -1.00
CA VAL A 191 10.60 19.41 -2.33
C VAL A 191 11.43 18.42 -3.10
N CYS A 192 10.76 17.42 -3.66
CA CYS A 192 11.39 16.49 -4.58
C CYS A 192 11.27 17.00 -6.03
N PRO A 193 12.32 16.80 -6.84
CA PRO A 193 12.27 17.27 -8.22
C PRO A 193 10.98 16.80 -8.88
N THR A 194 10.49 17.61 -9.81
CA THR A 194 9.22 17.39 -10.53
C THR A 194 8.84 15.92 -10.79
N ILE A 195 9.70 15.18 -11.49
CA ILE A 195 9.36 13.82 -11.97
C ILE A 195 9.44 12.68 -10.93
N CYS A 196 9.99 12.94 -9.74
CA CYS A 196 9.89 11.99 -8.60
C CYS A 196 8.45 11.82 -8.10
N LYS A 197 7.66 12.87 -8.33
CA LYS A 197 6.26 12.95 -7.90
C LYS A 197 6.03 12.70 -6.40
N SER A 198 5.09 11.81 -6.10
CA SER A 198 4.62 11.55 -4.75
C SER A 198 5.48 10.54 -4.02
N HIS A 199 6.47 9.98 -4.69
CA HIS A 199 7.26 8.86 -4.15
C HIS A 199 8.37 9.24 -3.17
N GLY A 200 8.77 10.51 -3.20
CA GLY A 200 9.81 10.98 -2.31
C GLY A 200 11.17 10.75 -2.92
N CYS A 201 12.18 11.23 -2.20
CA CYS A 201 13.55 11.27 -2.68
C CYS A 201 14.50 11.40 -1.50
N THR A 202 15.78 11.14 -1.74
CA THR A 202 16.80 11.34 -0.71
C THR A 202 17.15 12.82 -0.63
N ALA A 203 18.02 13.20 0.31
CA ALA A 203 18.45 14.59 0.46
C ALA A 203 19.13 15.12 -0.79
N GLU A 204 19.76 14.22 -1.54
CA GLU A 204 20.39 14.56 -2.83
C GLU A 204 19.37 14.77 -3.95
N GLY A 205 18.27 14.00 -3.90
CA GLY A 205 17.24 14.04 -4.95
C GLY A 205 17.13 12.86 -5.90
N LEU A 206 17.61 11.68 -5.47
CA LEU A 206 17.38 10.41 -6.17
C LEU A 206 16.01 9.93 -5.76
N CYS A 207 15.19 9.58 -6.74
CA CYS A 207 13.81 9.26 -6.41
C CYS A 207 13.74 7.96 -5.62
N CYS A 208 12.86 7.92 -4.63
CA CYS A 208 12.59 6.70 -3.84
C CYS A 208 11.80 5.72 -4.70
N HIS A 209 11.63 4.49 -4.22
CA HIS A 209 10.88 3.52 -5.03
C HIS A 209 9.42 3.93 -5.28
N SER A 210 8.92 3.56 -6.46
CA SER A 210 7.62 3.98 -6.97
C SER A 210 6.39 3.50 -6.18
N GLU A 211 6.55 2.52 -5.31
CA GLU A 211 5.41 2.08 -4.46
C GLU A 211 5.47 2.65 -3.03
N CYS A 212 6.55 3.40 -2.76
CA CYS A 212 6.69 4.17 -1.52
C CYS A 212 5.86 5.43 -1.63
N LEU A 213 5.46 5.98 -0.49
CA LEU A 213 4.72 7.23 -0.55
C LEU A 213 5.59 8.50 -0.38
N GLY A 214 5.85 8.95 0.85
CA GLY A 214 6.48 10.29 1.04
C GLY A 214 8.00 10.39 1.17
N ASN A 215 8.61 9.31 1.63
CA ASN A 215 10.01 9.31 2.03
C ASN A 215 10.46 7.86 2.03
N CYS A 216 11.77 7.68 1.96
CA CYS A 216 12.40 6.37 2.11
C CYS A 216 13.71 6.48 2.87
N SER A 217 14.00 5.45 3.66
CA SER A 217 15.25 5.38 4.41
C SER A 217 16.36 4.89 3.50
N GLN A 218 15.98 4.22 2.41
CA GLN A 218 16.91 3.83 1.35
C GLN A 218 16.28 4.02 -0.03
N PRO A 219 17.10 4.31 -1.06
CA PRO A 219 16.47 4.48 -2.37
C PRO A 219 16.18 3.14 -3.00
N ASP A 220 15.22 3.13 -3.92
CA ASP A 220 15.03 2.01 -4.84
C ASP A 220 14.72 0.70 -4.10
N ASP A 221 13.85 0.75 -3.10
CA ASP A 221 13.56 -0.43 -2.27
C ASP A 221 12.15 -0.35 -1.64
N PRO A 222 11.25 -1.26 -2.05
CA PRO A 222 9.83 -1.32 -1.59
C PRO A 222 9.60 -1.83 -0.16
N THR A 223 10.67 -2.17 0.56
CA THR A 223 10.53 -2.52 1.96
C THR A 223 11.02 -1.37 2.82
N LYS A 224 11.59 -0.37 2.15
CA LYS A 224 12.24 0.75 2.82
C LYS A 224 11.51 2.08 2.60
N CYS A 225 10.21 1.98 2.31
CA CYS A 225 9.32 3.14 2.28
C CYS A 225 9.00 3.57 3.68
N VAL A 226 8.69 4.84 3.84
CA VAL A 226 8.32 5.33 5.14
C VAL A 226 6.80 5.29 5.32
N ALA A 227 6.05 5.22 4.22
CA ALA A 227 4.59 5.08 4.27
C ALA A 227 3.98 4.64 2.94
N CYS A 228 3.52 3.40 2.89
CA CYS A 228 3.10 2.80 1.62
C CYS A 228 2.17 3.71 0.87
N ARG A 229 2.25 3.65 -0.46
CA ARG A 229 1.41 4.45 -1.35
C ARG A 229 0.11 3.73 -1.62
N ASN A 230 0.19 2.45 -1.97
CA ASN A 230 -1.02 1.66 -2.14
C ASN A 230 -1.43 0.89 -0.89
N PHE A 231 -0.93 -0.33 -0.78
CA PHE A 231 -1.27 -1.15 0.35
C PHE A 231 -0.03 -1.71 0.99
N TYR A 232 -0.15 -1.96 2.27
CA TYR A 232 0.89 -2.60 3.03
C TYR A 232 0.51 -4.03 3.40
N LEU A 233 1.48 -4.92 3.22
CA LEU A 233 1.33 -6.31 3.62
C LEU A 233 2.71 -6.91 3.89
N ASP A 234 2.85 -7.61 5.00
CA ASP A 234 4.06 -8.39 5.32
C ASP A 234 5.38 -7.66 5.05
N GLY A 235 5.52 -6.43 5.57
CA GLY A 235 6.77 -5.66 5.40
C GLY A 235 6.94 -4.80 4.15
N ARG A 236 6.28 -5.17 3.06
CA ARG A 236 6.47 -4.55 1.75
C ARG A 236 5.30 -3.65 1.31
N CYS A 237 5.58 -2.64 0.50
CA CYS A 237 4.56 -1.81 -0.17
C CYS A 237 4.15 -2.46 -1.47
N VAL A 238 2.87 -2.73 -1.67
CA VAL A 238 2.49 -3.44 -2.89
C VAL A 238 1.38 -2.74 -3.63
N GLU A 239 1.21 -3.13 -4.90
CA GLU A 239 0.18 -2.54 -5.77
C GLU A 239 -1.19 -2.98 -5.31
N THR A 240 -1.31 -4.25 -5.00
CA THR A 240 -2.60 -4.78 -4.59
C THR A 240 -2.45 -6.01 -3.70
N CYS A 241 -3.50 -6.29 -2.93
CA CYS A 241 -3.60 -7.49 -2.09
C CYS A 241 -3.88 -8.68 -2.99
N PRO A 242 -3.00 -9.70 -2.97
CA PRO A 242 -3.34 -10.88 -3.73
C PRO A 242 -4.32 -11.73 -2.93
N PRO A 243 -5.16 -12.52 -3.61
CA PRO A 243 -5.94 -13.44 -2.81
C PRO A 243 -4.95 -14.46 -2.24
N PRO A 244 -5.20 -14.97 -1.01
CA PRO A 244 -6.40 -14.88 -0.19
C PRO A 244 -6.45 -13.71 0.79
N TYR A 245 -5.79 -12.60 0.45
CA TYR A 245 -5.79 -11.43 1.32
C TYR A 245 -6.81 -10.39 0.86
N TYR A 246 -7.40 -9.66 1.81
CA TYR A 246 -8.47 -8.69 1.50
C TYR A 246 -8.06 -7.29 1.80
N HIS A 247 -8.55 -6.37 0.98
CA HIS A 247 -8.22 -4.95 1.12
C HIS A 247 -8.89 -4.36 2.35
N PHE A 248 -8.08 -3.82 3.26
CA PHE A 248 -8.62 -3.26 4.50
C PHE A 248 -8.23 -1.81 4.77
N GLN A 249 -9.26 -1.03 5.09
CA GLN A 249 -9.13 0.36 5.54
C GLN A 249 -8.42 1.20 4.47
N ASP A 250 -8.47 0.64 3.28
CA ASP A 250 -7.77 1.17 2.13
C ASP A 250 -6.33 1.55 2.37
N TRP A 251 -5.64 0.67 3.09
CA TRP A 251 -4.21 0.80 3.17
C TRP A 251 -3.44 -0.48 3.51
N ARG A 252 -4.10 -1.48 4.11
CA ARG A 252 -3.40 -2.75 4.44
C ARG A 252 -4.17 -4.06 4.17
N CYS A 253 -3.42 -5.11 3.89
CA CYS A 253 -3.96 -6.41 3.49
C CYS A 253 -4.05 -7.40 4.64
N VAL A 254 -5.15 -8.13 4.70
CA VAL A 254 -5.35 -9.13 5.73
C VAL A 254 -6.00 -10.36 5.14
N ASN A 255 -5.89 -11.49 5.86
CA ASN A 255 -6.61 -12.73 5.53
C ASN A 255 -8.06 -12.74 6.02
N PHE A 256 -8.80 -13.73 5.52
CA PHE A 256 -10.18 -13.93 5.91
C PHE A 256 -10.34 -13.90 7.43
N SER A 257 -9.47 -14.63 8.12
CA SER A 257 -9.58 -14.85 9.57
C SER A 257 -9.56 -13.55 10.37
N PHE A 258 -8.62 -12.66 10.05
CA PHE A 258 -8.52 -11.37 10.72
C PHE A 258 -9.86 -10.64 10.58
N CYS A 259 -10.34 -10.54 9.35
CA CYS A 259 -11.58 -9.83 9.00
C CYS A 259 -12.80 -10.40 9.75
N GLN A 260 -12.84 -11.73 9.84
CA GLN A 260 -13.87 -12.47 10.57
C GLN A 260 -13.90 -12.13 12.07
N ASP A 261 -12.72 -12.13 12.69
CA ASP A 261 -12.56 -11.90 14.11
C ASP A 261 -13.15 -10.56 14.54
N LEU A 262 -12.89 -9.55 13.72
CA LEU A 262 -13.42 -8.21 13.93
C LEU A 262 -14.94 -8.23 13.89
N HIS A 263 -15.48 -8.87 12.85
CA HIS A 263 -16.93 -8.94 12.66
C HIS A 263 -17.69 -9.49 13.86
N HIS A 264 -17.20 -10.58 14.44
CA HIS A 264 -17.92 -11.21 15.55
C HIS A 264 -17.87 -10.34 16.82
N LYS A 265 -18.92 -9.52 16.93
CA LYS A 265 -19.24 -8.70 18.10
C LYS A 265 -18.18 -7.63 18.39
N GLN A 276 -18.99 -3.47 11.79
CA GLN A 276 -19.49 -4.86 11.84
C GLN A 276 -19.21 -5.67 10.55
N TYR A 277 -17.92 -5.93 10.33
CA TYR A 277 -17.32 -6.15 9.01
C TYR A 277 -17.83 -7.27 8.10
N VAL A 278 -17.83 -7.01 6.80
CA VAL A 278 -18.28 -7.96 5.78
C VAL A 278 -17.35 -7.94 4.56
N ILE A 279 -17.45 -8.95 3.70
CA ILE A 279 -16.64 -8.97 2.49
C ILE A 279 -17.45 -8.74 1.23
N HIS A 280 -16.92 -7.89 0.35
CA HIS A 280 -17.48 -7.66 -0.99
C HIS A 280 -16.42 -7.06 -1.91
N ASN A 281 -16.32 -7.59 -3.12
CA ASN A 281 -15.39 -7.05 -4.13
C ASN A 281 -13.92 -7.23 -3.70
N ASN A 282 -13.68 -8.25 -2.86
CA ASN A 282 -12.37 -8.51 -2.20
C ASN A 282 -11.89 -7.40 -1.24
N LYS A 283 -12.87 -6.71 -0.68
CA LYS A 283 -12.63 -5.73 0.36
C LYS A 283 -13.29 -6.19 1.66
N CYS A 284 -12.62 -5.90 2.78
CA CYS A 284 -13.22 -6.05 4.10
C CYS A 284 -13.77 -4.67 4.52
N ILE A 285 -15.10 -4.56 4.68
CA ILE A 285 -15.80 -3.25 4.91
C ILE A 285 -16.87 -3.32 6.03
N PRO A 286 -17.21 -2.17 6.67
CA PRO A 286 -18.22 -2.20 7.75
C PRO A 286 -19.57 -2.71 7.30
N GLU A 287 -20.01 -2.27 6.13
CA GLU A 287 -21.36 -2.58 5.67
C GLU A 287 -21.45 -3.08 4.23
N CYS A 288 -22.39 -3.99 4.00
CA CYS A 288 -22.77 -4.41 2.65
C CYS A 288 -23.28 -3.18 1.90
N PRO A 289 -22.84 -2.99 0.64
CA PRO A 289 -23.39 -1.88 -0.12
C PRO A 289 -24.81 -2.17 -0.59
N SER A 290 -25.51 -1.10 -0.94
CA SER A 290 -26.89 -1.14 -1.39
C SER A 290 -27.13 -2.16 -2.51
N GLY A 291 -28.21 -2.92 -2.39
CA GLY A 291 -28.57 -3.95 -3.38
C GLY A 291 -28.11 -5.33 -2.95
N TYR A 292 -27.43 -5.36 -1.80
CA TYR A 292 -26.85 -6.58 -1.30
C TYR A 292 -27.25 -6.85 0.15
N THR A 293 -27.31 -8.15 0.46
CA THR A 293 -27.53 -8.66 1.81
C THR A 293 -26.42 -9.65 2.17
N MET A 294 -26.20 -9.87 3.46
CA MET A 294 -25.06 -10.67 3.93
C MET A 294 -25.37 -12.16 4.12
N ASN A 295 -24.79 -13.00 3.25
CA ASN A 295 -24.85 -14.44 3.46
C ASN A 295 -24.06 -14.82 4.70
N SER A 296 -24.73 -15.60 5.54
CA SER A 296 -24.31 -15.91 6.92
C SER A 296 -23.06 -16.81 7.07
N SER A 297 -22.87 -17.75 6.13
CA SER A 297 -21.79 -18.74 6.25
C SER A 297 -20.38 -18.18 5.93
N ASN A 298 -20.31 -17.06 5.23
CA ASN A 298 -19.05 -16.62 4.62
C ASN A 298 -18.78 -15.12 4.58
N LEU A 299 -19.62 -14.33 5.25
CA LEU A 299 -19.51 -12.85 5.32
C LEU A 299 -19.64 -12.11 3.97
N LEU A 300 -19.82 -12.88 2.89
CA LEU A 300 -19.83 -12.37 1.52
C LEU A 300 -21.19 -11.72 1.19
N CYS A 301 -21.15 -10.47 0.72
CA CYS A 301 -22.36 -9.78 0.30
C CYS A 301 -22.87 -10.36 -1.00
N THR A 302 -24.15 -10.72 -1.06
CA THR A 302 -24.76 -11.24 -2.27
C THR A 302 -25.95 -10.37 -2.68
N PRO A 303 -26.24 -10.27 -4.00
CA PRO A 303 -27.37 -9.45 -4.41
C PRO A 303 -28.68 -10.04 -3.95
N CYS A 304 -29.72 -9.20 -3.92
CA CYS A 304 -30.97 -9.58 -3.30
C CYS A 304 -31.90 -10.37 -4.23
N LEU A 305 -32.53 -11.39 -3.64
CA LEU A 305 -33.62 -12.16 -4.23
C LEU A 305 -34.88 -11.28 -4.18
N GLY A 306 -35.22 -10.65 -5.31
CA GLY A 306 -36.28 -9.64 -5.36
C GLY A 306 -35.81 -8.32 -4.73
N PRO A 307 -36.75 -7.52 -4.16
CA PRO A 307 -36.41 -6.29 -3.42
C PRO A 307 -35.54 -6.58 -2.18
N CYS A 308 -34.70 -5.62 -1.76
CA CYS A 308 -33.86 -5.80 -0.55
C CYS A 308 -34.59 -5.28 0.71
N PRO A 309 -34.89 -6.15 1.70
CA PRO A 309 -35.25 -5.55 2.96
C PRO A 309 -33.94 -5.20 3.66
N LYS A 310 -33.71 -3.91 3.90
CA LYS A 310 -32.46 -3.47 4.52
C LYS A 310 -32.56 -2.04 5.05
N GLN B 1 20.68 -6.21 -5.78
CA GLN B 1 21.60 -7.39 -5.64
C GLN B 1 20.82 -8.71 -5.55
N VAL B 2 19.62 -8.75 -6.14
CA VAL B 2 18.72 -9.90 -6.02
C VAL B 2 19.29 -11.14 -6.72
N GLN B 3 19.62 -12.17 -5.95
CA GLN B 3 20.24 -13.40 -6.47
C GLN B 3 19.76 -14.68 -5.80
N LEU B 4 19.54 -15.70 -6.61
CA LEU B 4 19.14 -16.99 -6.10
C LEU B 4 20.00 -18.05 -6.73
N LYS B 5 20.34 -19.06 -5.93
CA LYS B 5 21.07 -20.25 -6.36
C LYS B 5 20.60 -21.50 -5.59
N GLU B 6 20.38 -22.60 -6.31
CA GLU B 6 19.83 -23.81 -5.72
C GLU B 6 20.95 -24.79 -5.41
N SER B 7 20.83 -25.49 -4.27
CA SER B 7 21.81 -26.54 -3.95
C SER B 7 21.16 -27.93 -3.95
N GLY B 8 21.44 -28.66 -5.02
CA GLY B 8 20.90 -29.99 -5.20
C GLY B 8 21.94 -31.04 -4.88
N PRO B 9 21.47 -32.25 -4.52
CA PRO B 9 22.41 -33.34 -4.32
C PRO B 9 22.81 -33.97 -5.66
N GLY B 10 22.09 -33.62 -6.73
CA GLY B 10 22.40 -34.14 -8.05
C GLY B 10 21.86 -35.52 -8.36
N LEU B 11 22.28 -36.54 -7.59
CA LEU B 11 21.96 -37.95 -7.88
C LEU B 11 21.17 -38.65 -6.77
N VAL B 12 20.00 -39.17 -7.11
CA VAL B 12 19.11 -39.80 -6.13
C VAL B 12 18.59 -41.15 -6.65
N ALA B 13 18.77 -42.19 -5.84
CA ALA B 13 18.24 -43.52 -6.12
C ALA B 13 16.75 -43.62 -5.71
N PRO B 14 15.91 -44.27 -6.54
CA PRO B 14 14.46 -44.37 -6.30
C PRO B 14 14.05 -44.79 -4.88
N SER B 15 12.85 -44.36 -4.49
CA SER B 15 12.28 -44.58 -3.13
C SER B 15 12.92 -43.70 -2.05
N GLN B 16 13.99 -42.99 -2.42
CA GLN B 16 14.63 -42.04 -1.52
C GLN B 16 14.09 -40.61 -1.78
N SER B 17 14.34 -39.71 -0.83
CA SER B 17 13.77 -38.35 -0.82
C SER B 17 14.67 -37.29 -1.46
N LEU B 18 14.09 -36.13 -1.78
CA LEU B 18 14.86 -35.02 -2.34
C LEU B 18 14.88 -33.82 -1.38
N SER B 19 16.07 -33.35 -1.04
CA SER B 19 16.24 -32.13 -0.25
C SER B 19 17.05 -31.08 -0.99
N ILE B 20 16.39 -29.98 -1.34
CA ILE B 20 17.08 -28.87 -2.02
C ILE B 20 17.06 -27.63 -1.15
N THR B 21 18.20 -26.93 -1.12
CA THR B 21 18.28 -25.64 -0.47
C THR B 21 18.42 -24.53 -1.52
N CYS B 22 17.45 -23.61 -1.53
CA CYS B 22 17.56 -22.37 -2.31
C CYS B 22 18.14 -21.30 -1.42
N THR B 23 19.33 -20.83 -1.81
CA THR B 23 20.01 -19.79 -1.07
C THR B 23 19.88 -18.45 -1.82
N VAL B 24 19.16 -17.51 -1.20
CA VAL B 24 18.95 -16.19 -1.80
C VAL B 24 19.74 -15.08 -1.11
N SER B 25 20.04 -14.04 -1.86
CA SER B 25 20.75 -12.89 -1.32
C SER B 25 20.17 -11.61 -1.92
N GLY B 26 20.29 -10.51 -1.19
CA GLY B 26 19.93 -9.17 -1.69
C GLY B 26 18.57 -8.63 -1.28
N PHE B 27 17.77 -9.48 -0.65
CA PHE B 27 16.44 -9.11 -0.25
C PHE B 27 16.05 -9.89 1.01
N PRO B 28 15.00 -9.44 1.73
CA PRO B 28 14.51 -10.15 2.94
C PRO B 28 13.42 -11.20 2.69
N LEU B 29 13.63 -12.43 3.18
CA LEU B 29 12.69 -13.52 2.92
C LEU B 29 11.40 -13.38 3.70
N THR B 30 11.44 -12.52 4.70
CA THR B 30 10.27 -12.14 5.51
C THR B 30 9.25 -11.28 4.73
N ALA B 31 9.72 -10.73 3.60
CA ALA B 31 8.94 -9.77 2.79
C ALA B 31 8.64 -10.20 1.35
N TYR B 32 9.19 -11.32 0.91
CA TYR B 32 8.84 -11.83 -0.42
C TYR B 32 8.53 -13.33 -0.36
N GLY B 33 7.85 -13.82 -1.40
CA GLY B 33 7.56 -15.25 -1.58
C GLY B 33 8.60 -15.93 -2.46
N VAL B 34 8.66 -17.26 -2.40
CA VAL B 34 9.63 -18.01 -3.21
C VAL B 34 8.97 -19.23 -3.79
N ASN B 35 9.17 -19.43 -5.10
CA ASN B 35 8.55 -20.55 -5.81
C ASN B 35 9.52 -21.61 -6.25
N TRP B 36 9.00 -22.81 -6.46
CA TRP B 36 9.81 -23.90 -6.95
C TRP B 36 9.18 -24.38 -8.22
N VAL B 37 10.03 -24.58 -9.22
CA VAL B 37 9.63 -24.87 -10.59
C VAL B 37 10.65 -25.88 -11.12
N ARG B 38 10.21 -26.89 -11.87
CA ARG B 38 11.13 -27.83 -12.51
C ARG B 38 10.90 -27.97 -14.03
N GLN B 39 11.95 -28.34 -14.77
CA GLN B 39 11.80 -28.64 -16.21
C GLN B 39 12.57 -29.91 -16.62
N PRO B 40 11.84 -30.99 -16.99
CA PRO B 40 12.50 -32.13 -17.63
C PRO B 40 13.01 -31.69 -19.01
N PRO B 41 14.23 -32.14 -19.42
CA PRO B 41 14.85 -31.65 -20.68
C PRO B 41 13.90 -31.60 -21.88
N GLY B 42 13.70 -30.40 -22.46
CA GLY B 42 12.84 -30.23 -23.64
C GLY B 42 11.35 -30.46 -23.41
N LYS B 43 10.96 -30.52 -22.14
CA LYS B 43 9.55 -30.54 -21.74
C LYS B 43 9.13 -29.22 -21.09
N GLY B 44 7.95 -29.21 -20.49
CA GLY B 44 7.40 -28.00 -19.89
C GLY B 44 8.03 -27.56 -18.58
N LEU B 45 7.65 -26.35 -18.16
CA LEU B 45 8.00 -25.79 -16.86
C LEU B 45 6.84 -26.02 -15.90
N GLU B 46 7.16 -26.56 -14.74
CA GLU B 46 6.15 -27.05 -13.83
C GLU B 46 6.22 -26.38 -12.47
N TRP B 47 5.12 -25.75 -12.05
CA TRP B 47 5.04 -25.12 -10.72
C TRP B 47 4.85 -26.16 -9.65
N LEU B 48 5.76 -26.14 -8.68
CA LEU B 48 5.74 -27.11 -7.61
C LEU B 48 5.17 -26.53 -6.30
N GLY B 49 5.57 -25.32 -5.94
CA GLY B 49 5.02 -24.68 -4.74
C GLY B 49 5.57 -23.29 -4.46
N MET B 50 5.05 -22.66 -3.40
CA MET B 50 5.59 -21.40 -2.88
C MET B 50 5.42 -21.18 -1.37
N ILE B 51 6.32 -20.37 -0.80
CA ILE B 51 6.26 -20.01 0.61
C ILE B 51 6.27 -18.50 0.77
N TRP B 52 5.20 -17.99 1.37
CA TRP B 52 4.98 -16.55 1.53
C TRP B 52 5.79 -15.97 2.69
N GLY B 53 5.78 -14.63 2.79
CA GLY B 53 6.54 -13.92 3.82
C GLY B 53 6.22 -14.39 5.22
N ASP B 54 4.94 -14.69 5.46
CA ASP B 54 4.43 -15.04 6.78
C ASP B 54 4.52 -16.54 7.18
N GLY B 55 5.22 -17.34 6.39
CA GLY B 55 5.34 -18.77 6.68
C GLY B 55 4.27 -19.64 6.04
N ASN B 56 3.16 -19.00 5.64
CA ASN B 56 2.11 -19.62 4.81
C ASN B 56 2.69 -20.45 3.67
N THR B 57 2.02 -21.55 3.32
CA THR B 57 2.51 -22.45 2.27
C THR B 57 1.46 -22.85 1.23
N ASP B 58 1.92 -22.91 -0.02
CA ASP B 58 1.15 -23.42 -1.16
C ASP B 58 1.88 -24.62 -1.78
N TYR B 59 1.14 -25.71 -2.00
CA TYR B 59 1.67 -26.88 -2.70
C TYR B 59 0.78 -27.18 -3.88
N ASN B 60 1.34 -27.64 -4.99
CA ASN B 60 0.51 -28.20 -6.05
C ASN B 60 -0.15 -29.48 -5.50
N SER B 61 -1.47 -29.59 -5.62
CA SER B 61 -2.22 -30.78 -5.13
C SER B 61 -1.73 -32.10 -5.73
N ALA B 62 -1.11 -32.02 -6.92
CA ALA B 62 -0.33 -33.12 -7.52
C ALA B 62 0.59 -33.80 -6.48
N LEU B 63 1.23 -32.98 -5.65
CA LEU B 63 2.05 -33.46 -4.53
C LEU B 63 1.21 -33.84 -3.33
N LYS B 64 0.83 -35.11 -3.30
CA LYS B 64 0.05 -35.69 -2.19
C LYS B 64 0.91 -35.86 -0.94
N SER B 65 1.07 -34.78 -0.17
CA SER B 65 1.90 -34.75 1.06
C SER B 65 3.38 -35.05 0.79
N ARG B 66 3.73 -35.24 -0.49
CA ARG B 66 5.09 -35.53 -0.93
C ARG B 66 5.98 -34.32 -0.71
N LEU B 67 5.39 -33.14 -0.77
CA LEU B 67 6.12 -31.88 -0.67
C LEU B 67 5.99 -31.19 0.68
N SER B 68 7.13 -30.77 1.23
CA SER B 68 7.21 -29.92 2.42
C SER B 68 8.11 -28.72 2.14
N ILE B 69 7.55 -27.51 2.25
CA ILE B 69 8.35 -26.29 2.08
C ILE B 69 8.41 -25.51 3.40
N SER B 70 9.64 -25.30 3.89
CA SER B 70 9.91 -24.54 5.12
C SER B 70 11.09 -23.58 4.90
N LYS B 71 11.40 -22.74 5.91
CA LYS B 71 12.42 -21.71 5.76
C LYS B 71 13.23 -21.36 7.02
N ASP B 72 14.44 -20.85 6.81
CA ASP B 72 15.24 -20.17 7.85
C ASP B 72 15.55 -18.73 7.38
N ASN B 73 14.69 -17.78 7.76
CA ASN B 73 14.76 -16.39 7.32
C ASN B 73 15.98 -15.61 7.81
N SER B 74 16.45 -15.96 9.01
CA SER B 74 17.66 -15.34 9.57
C SER B 74 18.93 -15.72 8.79
N LYS B 75 18.91 -16.90 8.16
CA LYS B 75 20.04 -17.36 7.35
C LYS B 75 19.72 -17.41 5.85
N SER B 76 18.69 -16.67 5.43
CA SER B 76 18.33 -16.50 3.99
C SER B 76 18.22 -17.79 3.17
N GLN B 77 17.61 -18.81 3.77
CA GLN B 77 17.48 -20.12 3.13
C GLN B 77 16.01 -20.58 3.01
N VAL B 78 15.71 -21.24 1.89
CA VAL B 78 14.41 -21.89 1.65
C VAL B 78 14.60 -23.38 1.41
N PHE B 79 13.85 -24.19 2.15
CA PHE B 79 13.97 -25.65 2.07
C PHE B 79 12.78 -26.31 1.40
N LEU B 80 13.06 -26.97 0.28
CA LEU B 80 12.14 -27.91 -0.32
C LEU B 80 12.54 -29.34 0.11
N LYS B 81 11.53 -30.14 0.46
CA LYS B 81 11.73 -31.54 0.84
C LYS B 81 10.63 -32.40 0.22
N MET B 82 11.03 -33.40 -0.57
CA MET B 82 10.10 -34.20 -1.39
C MET B 82 10.40 -35.70 -1.28
N ASN B 83 9.40 -36.50 -0.88
CA ASN B 83 9.67 -37.91 -0.59
C ASN B 83 9.50 -38.91 -1.73
N SER B 84 10.16 -40.06 -1.57
CA SER B 84 10.05 -41.26 -2.43
C SER B 84 9.94 -40.96 -3.91
N LEU B 85 11.07 -40.55 -4.49
CA LEU B 85 11.11 -40.15 -5.89
C LEU B 85 11.14 -41.35 -6.85
N GLN B 86 10.70 -41.11 -8.09
CA GLN B 86 10.83 -42.08 -9.19
C GLN B 86 11.53 -41.43 -10.39
N THR B 87 11.82 -42.21 -11.43
CA THR B 87 12.58 -41.71 -12.60
C THR B 87 11.90 -40.55 -13.35
N ASP B 88 10.57 -40.45 -13.28
CA ASP B 88 9.80 -39.35 -13.90
C ASP B 88 10.06 -37.96 -13.29
N ASP B 89 10.83 -37.97 -12.20
CA ASP B 89 11.20 -36.75 -11.47
C ASP B 89 12.56 -36.19 -11.95
N THR B 90 13.10 -36.74 -13.05
CA THR B 90 14.39 -36.31 -13.62
C THR B 90 14.25 -34.97 -14.37
N ALA B 91 14.74 -33.90 -13.75
CA ALA B 91 14.49 -32.55 -14.23
C ALA B 91 15.47 -31.51 -13.66
N ARG B 92 15.43 -30.30 -14.23
CA ARG B 92 16.15 -29.14 -13.67
C ARG B 92 15.22 -28.40 -12.72
N TYR B 93 15.74 -28.15 -11.52
CA TYR B 93 14.97 -27.56 -10.45
C TYR B 93 15.42 -26.13 -10.19
N TYR B 94 14.45 -25.22 -10.25
CA TYR B 94 14.64 -23.80 -9.95
C TYR B 94 13.80 -23.30 -8.78
N CYS B 95 14.35 -22.41 -8.00
CA CYS B 95 13.54 -21.55 -7.18
C CYS B 95 13.48 -20.22 -7.92
N ALA B 96 12.40 -19.48 -7.75
CA ALA B 96 12.36 -18.12 -8.28
C ALA B 96 11.60 -17.21 -7.33
N ARG B 97 12.02 -15.94 -7.25
CA ARG B 97 11.37 -14.95 -6.37
C ARG B 97 9.94 -14.60 -6.81
N ASP B 98 9.17 -14.14 -5.84
CA ASP B 98 7.77 -13.86 -6.01
C ASP B 98 7.45 -12.61 -5.21
N PRO B 99 7.32 -11.46 -5.89
CA PRO B 99 6.93 -10.24 -5.19
C PRO B 99 5.41 -10.14 -5.06
N TYR B 100 4.82 -11.24 -4.59
CA TYR B 100 3.38 -11.49 -4.69
C TYR B 100 2.46 -10.31 -4.89
N GLY B 101 2.49 -9.39 -3.92
CA GLY B 101 1.64 -8.23 -3.96
C GLY B 101 1.73 -7.48 -5.26
N SER B 102 2.95 -7.20 -5.69
CA SER B 102 3.16 -6.36 -6.87
C SER B 102 3.57 -7.08 -8.16
N LYS B 103 4.49 -8.03 -8.08
CA LYS B 103 4.96 -8.70 -9.30
C LYS B 103 4.72 -10.21 -9.24
N PRO B 104 4.99 -10.91 -10.35
CA PRO B 104 4.81 -12.36 -10.38
C PRO B 104 6.09 -13.12 -10.02
N MET B 105 6.87 -13.54 -11.01
CA MET B 105 8.13 -14.20 -10.75
C MET B 105 9.26 -13.45 -11.38
N ASP B 106 9.86 -12.58 -10.59
CA ASP B 106 11.04 -11.84 -11.03
C ASP B 106 12.30 -12.45 -10.42
N TYR B 107 13.34 -12.62 -11.23
CA TYR B 107 14.60 -13.17 -10.74
C TYR B 107 14.52 -14.67 -10.45
N TRP B 108 15.30 -15.40 -11.21
CA TRP B 108 15.37 -16.84 -11.15
C TRP B 108 16.75 -17.28 -10.71
N GLY B 109 16.83 -18.51 -10.20
CA GLY B 109 18.13 -19.17 -10.06
C GLY B 109 18.59 -19.65 -11.43
N GLN B 110 19.88 -19.93 -11.56
CA GLN B 110 20.43 -20.53 -12.77
C GLN B 110 19.92 -21.97 -12.95
N GLY B 111 19.48 -22.59 -11.85
CA GLY B 111 18.89 -23.93 -11.87
C GLY B 111 19.91 -25.01 -11.55
N THR B 112 19.46 -26.05 -10.87
CA THR B 112 20.33 -27.18 -10.53
C THR B 112 19.77 -28.49 -11.10
N SER B 113 20.67 -29.34 -11.60
CA SER B 113 20.32 -30.62 -12.19
C SER B 113 20.02 -31.70 -11.14
N VAL B 114 18.87 -32.36 -11.26
CA VAL B 114 18.52 -33.51 -10.40
C VAL B 114 18.09 -34.74 -11.25
N THR B 115 18.74 -35.86 -11.00
CA THR B 115 18.51 -37.09 -11.78
C THR B 115 18.20 -38.28 -10.85
N VAL B 116 17.17 -39.06 -11.19
CA VAL B 116 16.79 -40.25 -10.41
C VAL B 116 17.12 -41.54 -11.18
N ASP C 1 -5.44 -25.97 -7.84
CA ASP C 1 -4.90 -25.15 -8.97
C ASP C 1 -5.59 -25.44 -10.32
N ILE C 2 -5.74 -24.38 -11.11
CA ILE C 2 -6.48 -24.37 -12.38
C ILE C 2 -5.70 -25.04 -13.51
N VAL C 3 -6.19 -24.90 -14.75
CA VAL C 3 -5.57 -25.54 -15.92
C VAL C 3 -5.37 -24.57 -17.09
N MET C 4 -4.11 -24.47 -17.51
CA MET C 4 -3.69 -23.57 -18.56
C MET C 4 -3.38 -24.34 -19.86
N SER C 5 -3.79 -23.78 -21.01
CA SER C 5 -3.57 -24.40 -22.33
C SER C 5 -3.11 -23.43 -23.41
N GLN C 6 -1.98 -23.72 -24.05
CA GLN C 6 -1.41 -22.82 -25.06
C GLN C 6 -1.55 -23.36 -26.47
N SER C 7 -1.41 -22.46 -27.45
CA SER C 7 -1.33 -22.86 -28.86
C SER C 7 -0.51 -21.84 -29.63
N PRO C 8 0.34 -22.32 -30.57
CA PRO C 8 0.54 -23.74 -30.95
C PRO C 8 1.55 -24.42 -30.01
N SER C 9 1.93 -25.66 -30.31
CA SER C 9 3.05 -26.30 -29.59
C SER C 9 4.38 -25.71 -30.07
N SER C 10 4.43 -25.37 -31.37
CA SER C 10 5.56 -24.66 -31.99
C SER C 10 5.18 -23.84 -33.26
N LEU C 11 5.95 -22.79 -33.50
CA LEU C 11 5.68 -21.84 -34.57
C LEU C 11 7.00 -21.41 -35.21
N VAL C 12 6.96 -21.05 -36.49
CA VAL C 12 8.15 -20.52 -37.16
C VAL C 12 7.85 -19.22 -37.93
N VAL C 13 8.86 -18.35 -38.08
CA VAL C 13 8.72 -17.08 -38.79
C VAL C 13 10.07 -16.49 -39.22
N SER C 14 10.07 -15.61 -40.22
CA SER C 14 11.31 -14.91 -40.60
C SER C 14 11.37 -13.50 -40.03
N VAL C 15 12.57 -12.92 -40.10
CA VAL C 15 12.93 -11.59 -39.61
C VAL C 15 12.01 -10.49 -40.14
N GLY C 16 11.57 -9.60 -39.24
CA GLY C 16 10.79 -8.42 -39.61
C GLY C 16 9.30 -8.50 -39.31
N GLU C 17 8.81 -9.73 -39.15
CA GLU C 17 7.37 -9.98 -39.04
C GLU C 17 6.85 -10.00 -37.60
N LYS C 18 5.54 -9.86 -37.48
CA LYS C 18 4.85 -9.89 -36.20
C LYS C 18 4.34 -11.30 -35.88
N VAL C 19 4.27 -11.61 -34.58
CA VAL C 19 3.91 -12.94 -34.07
C VAL C 19 2.93 -12.92 -32.88
N THR C 20 1.90 -13.77 -32.93
CA THR C 20 0.89 -13.87 -31.86
C THR C 20 0.52 -15.32 -31.43
N MET C 21 0.89 -15.69 -30.19
CA MET C 21 0.57 -17.02 -29.62
C MET C 21 -0.53 -16.90 -28.55
N SER C 22 -1.25 -17.99 -28.27
CA SER C 22 -2.38 -17.94 -27.33
C SER C 22 -2.28 -18.86 -26.12
N CYS C 23 -3.14 -18.59 -25.14
CA CYS C 23 -3.25 -19.27 -23.84
C CYS C 23 -4.68 -19.19 -23.34
N LYS C 24 -5.07 -20.14 -22.51
CA LYS C 24 -6.41 -20.18 -21.94
C LYS C 24 -6.41 -20.79 -20.55
N SER C 25 -7.32 -20.30 -19.71
CA SER C 25 -7.45 -20.75 -18.34
C SER C 25 -8.86 -21.32 -18.07
N SER C 26 -8.95 -22.24 -17.11
CA SER C 26 -10.22 -22.88 -16.72
C SER C 26 -11.11 -22.01 -15.82
N GLN C 27 -10.63 -20.83 -15.44
CA GLN C 27 -11.30 -19.90 -14.50
C GLN C 27 -10.94 -18.46 -14.95
N SER C 28 -11.82 -17.47 -14.74
CA SER C 28 -11.52 -16.07 -15.12
C SER C 28 -10.42 -15.44 -14.25
N LEU C 29 -9.50 -14.69 -14.87
CA LEU C 29 -8.30 -14.21 -14.16
C LEU C 29 -8.30 -12.71 -13.87
N LEU C 30 -9.40 -12.06 -14.25
CA LEU C 30 -9.57 -10.62 -14.03
C LEU C 30 -9.94 -10.33 -12.59
N TYR C 31 -9.03 -9.64 -11.88
CA TYR C 31 -9.25 -9.24 -10.49
C TYR C 31 -10.18 -8.02 -10.45
N SER C 32 -11.30 -8.20 -9.74
CA SER C 32 -12.31 -7.17 -9.60
C SER C 32 -11.75 -5.92 -8.92
N SER C 33 -11.11 -6.10 -7.76
CA SER C 33 -10.69 -4.98 -6.91
C SER C 33 -9.73 -3.94 -7.52
N ASN C 34 -9.23 -4.20 -8.73
CA ASN C 34 -8.32 -3.26 -9.40
C ASN C 34 -8.40 -3.28 -10.93
N GLN C 35 -9.17 -4.23 -11.46
CA GLN C 35 -9.42 -4.38 -12.90
C GLN C 35 -8.21 -4.86 -13.70
N LYS C 36 -7.41 -5.71 -13.07
CA LYS C 36 -6.22 -6.28 -13.71
C LYS C 36 -6.35 -7.80 -13.82
N ASN C 37 -5.76 -8.37 -14.87
CA ASN C 37 -5.80 -9.81 -15.03
C ASN C 37 -4.51 -10.39 -14.41
N PHE C 38 -4.65 -11.44 -13.60
CA PHE C 38 -3.49 -12.02 -12.89
C PHE C 38 -2.65 -13.06 -13.65
N LEU C 39 -2.18 -12.65 -14.83
CA LEU C 39 -1.49 -13.55 -15.75
C LEU C 39 -0.12 -13.01 -16.14
N ALA C 40 0.82 -13.93 -16.34
CA ALA C 40 2.17 -13.61 -16.74
C ALA C 40 2.63 -14.24 -18.05
N TRP C 41 3.54 -13.54 -18.72
CA TRP C 41 4.30 -14.06 -19.85
C TRP C 41 5.81 -14.05 -19.56
N TYR C 42 6.42 -15.23 -19.73
CA TYR C 42 7.88 -15.38 -19.61
C TYR C 42 8.47 -15.91 -20.91
N GLN C 43 9.68 -15.43 -21.21
CA GLN C 43 10.46 -15.91 -22.33
C GLN C 43 11.61 -16.67 -21.76
N GLN C 44 11.89 -17.80 -22.38
CA GLN C 44 13.07 -18.58 -22.07
C GLN C 44 13.93 -18.79 -23.32
N LYS C 45 14.96 -17.96 -23.45
CA LYS C 45 16.00 -18.15 -24.46
C LYS C 45 16.69 -19.44 -24.06
N PRO C 46 16.89 -20.33 -25.05
CA PRO C 46 17.18 -21.70 -24.67
C PRO C 46 18.57 -21.88 -24.02
N GLY C 47 18.67 -22.83 -23.10
CA GLY C 47 19.91 -23.12 -22.40
C GLY C 47 20.10 -22.29 -21.15
N GLN C 48 19.40 -21.15 -21.11
CA GLN C 48 19.38 -20.27 -19.95
C GLN C 48 18.06 -20.37 -19.22
N SER C 49 18.10 -19.96 -17.96
CA SER C 49 16.92 -19.85 -17.12
C SER C 49 16.03 -18.70 -17.64
N PRO C 50 14.71 -18.85 -17.50
CA PRO C 50 13.75 -17.93 -18.11
C PRO C 50 13.77 -16.54 -17.52
N LYS C 51 13.15 -15.60 -18.22
CA LYS C 51 13.20 -14.19 -17.87
C LYS C 51 11.78 -13.66 -17.78
N LEU C 52 11.48 -12.83 -16.77
CA LEU C 52 10.15 -12.23 -16.69
C LEU C 52 9.98 -11.11 -17.73
N LEU C 53 8.85 -11.11 -18.43
CA LEU C 53 8.60 -10.15 -19.50
C LEU C 53 7.44 -9.22 -19.26
N ILE C 54 6.25 -9.83 -19.15
CA ILE C 54 5.00 -9.10 -19.09
C ILE C 54 4.08 -9.61 -18.01
N TYR C 55 3.71 -8.71 -17.09
CA TYR C 55 2.80 -9.01 -15.98
C TYR C 55 1.51 -8.18 -16.00
N TRP C 56 0.51 -8.66 -15.25
CA TRP C 56 -0.87 -8.24 -15.40
C TRP C 56 -1.31 -8.30 -16.85
N ALA C 57 -0.74 -9.30 -17.54
CA ALA C 57 -0.88 -9.55 -18.99
C ALA C 57 -0.63 -8.38 -19.97
N SER C 58 -0.36 -7.17 -19.47
CA SER C 58 -0.10 -5.99 -20.35
C SER C 58 0.99 -5.04 -19.84
N THR C 59 1.39 -5.23 -18.60
CA THR C 59 2.39 -4.37 -18.03
C THR C 59 3.76 -4.89 -18.42
N ARG C 60 4.53 -4.03 -19.09
CA ARG C 60 5.88 -4.35 -19.57
C ARG C 60 6.91 -4.24 -18.44
N GLU C 61 7.72 -5.29 -18.27
CA GLU C 61 8.85 -5.24 -17.34
C GLU C 61 9.94 -4.30 -17.87
N SER C 62 10.53 -3.53 -16.98
CA SER C 62 11.66 -2.69 -17.35
C SER C 62 12.76 -3.53 -17.97
N GLY C 63 13.39 -3.01 -19.02
CA GLY C 63 14.46 -3.72 -19.72
C GLY C 63 13.94 -4.56 -20.88
N VAL C 64 12.62 -4.51 -21.08
CA VAL C 64 12.00 -5.16 -22.23
C VAL C 64 11.70 -4.09 -23.29
N PRO C 65 12.16 -4.32 -24.52
CA PRO C 65 11.87 -3.40 -25.63
C PRO C 65 10.37 -3.37 -25.98
N ASP C 66 9.95 -2.26 -26.56
CA ASP C 66 8.54 -2.00 -26.89
C ASP C 66 7.93 -2.95 -27.92
N ARG C 67 8.77 -3.77 -28.52
CA ARG C 67 8.28 -4.67 -29.57
C ARG C 67 7.44 -5.80 -28.95
N PHE C 68 7.63 -6.05 -27.65
CA PHE C 68 6.88 -7.07 -26.93
C PHE C 68 5.55 -6.52 -26.41
N THR C 69 4.43 -7.16 -26.78
CA THR C 69 3.11 -6.56 -26.51
C THR C 69 2.03 -7.55 -26.05
N GLY C 70 1.63 -7.44 -24.78
CA GLY C 70 0.65 -8.33 -24.18
C GLY C 70 -0.80 -7.91 -24.35
N SER C 71 -1.68 -8.91 -24.48
CA SER C 71 -3.14 -8.68 -24.69
C SER C 71 -4.06 -9.75 -24.06
N GLY C 72 -5.37 -9.53 -24.22
CA GLY C 72 -6.40 -10.48 -23.79
C GLY C 72 -6.98 -10.08 -22.45
N SER C 73 -8.15 -10.68 -22.11
CA SER C 73 -8.79 -10.55 -20.77
C SER C 73 -9.81 -11.67 -20.50
N GLY C 74 -10.07 -11.90 -19.21
CA GLY C 74 -10.96 -12.97 -18.75
C GLY C 74 -10.24 -14.31 -18.59
N THR C 75 -10.52 -15.22 -19.53
CA THR C 75 -9.93 -16.57 -19.56
C THR C 75 -8.94 -16.76 -20.73
N ASP C 76 -8.96 -15.83 -21.68
CA ASP C 76 -8.24 -16.02 -22.93
C ASP C 76 -7.25 -14.92 -23.19
N PHE C 77 -6.01 -15.34 -23.47
CA PHE C 77 -4.85 -14.43 -23.56
C PHE C 77 -3.93 -14.72 -24.73
N THR C 78 -3.22 -13.68 -25.13
CA THR C 78 -2.38 -13.70 -26.29
C THR C 78 -1.16 -12.83 -26.02
N LEU C 79 -0.03 -13.28 -26.57
CA LEU C 79 1.21 -12.51 -26.55
C LEU C 79 1.72 -12.20 -27.96
N THR C 80 2.17 -10.96 -28.14
CA THR C 80 2.53 -10.46 -29.44
C THR C 80 3.97 -9.96 -29.47
N ILE C 81 4.72 -10.38 -30.48
CA ILE C 81 6.04 -9.82 -30.76
C ILE C 81 6.05 -9.07 -32.10
N SER C 82 6.01 -7.74 -32.01
CA SER C 82 5.90 -6.87 -33.18
C SER C 82 7.30 -6.58 -33.74
N SER C 83 7.60 -7.09 -34.93
CA SER C 83 8.91 -6.89 -35.58
C SER C 83 10.06 -7.70 -34.92
N VAL C 84 10.26 -8.93 -35.43
CA VAL C 84 11.28 -9.87 -34.94
C VAL C 84 12.73 -9.45 -35.27
N LYS C 85 13.57 -9.40 -34.21
CA LYS C 85 15.04 -9.19 -34.29
C LYS C 85 15.81 -10.50 -33.92
N ALA C 86 17.00 -10.70 -34.49
CA ALA C 86 17.75 -11.98 -34.49
C ALA C 86 17.59 -12.92 -33.27
N GLU C 87 17.98 -12.46 -32.10
CA GLU C 87 17.98 -13.30 -30.89
C GLU C 87 16.65 -13.35 -30.12
N ASP C 88 15.56 -12.99 -30.82
CA ASP C 88 14.20 -13.09 -30.27
C ASP C 88 13.74 -14.55 -30.10
N LEU C 89 14.58 -15.48 -30.58
CA LEU C 89 14.29 -16.90 -30.49
C LEU C 89 14.26 -17.40 -29.05
N ALA C 90 13.09 -17.92 -28.67
CA ALA C 90 12.89 -18.50 -27.36
C ALA C 90 11.60 -19.33 -27.28
N VAL C 91 11.45 -20.06 -26.18
CA VAL C 91 10.21 -20.75 -25.82
C VAL C 91 9.49 -19.88 -24.78
N TYR C 92 8.20 -19.62 -25.02
CA TYR C 92 7.42 -18.68 -24.21
C TYR C 92 6.34 -19.41 -23.41
N TYR C 93 6.16 -19.04 -22.14
CA TYR C 93 5.18 -19.74 -21.31
C TYR C 93 4.16 -18.77 -20.66
N CYS C 94 2.93 -19.25 -20.37
CA CYS C 94 1.92 -18.48 -19.61
C CYS C 94 1.77 -18.96 -18.17
N GLN C 95 1.75 -18.01 -17.23
CA GLN C 95 1.52 -18.34 -15.84
C GLN C 95 0.38 -17.56 -15.24
N GLN C 96 -0.53 -18.25 -14.60
CA GLN C 96 -1.49 -17.56 -13.75
C GLN C 96 -0.89 -17.44 -12.36
N TYR C 97 -1.16 -16.32 -11.72
CA TYR C 97 -0.80 -16.10 -10.32
C TYR C 97 -1.95 -15.60 -9.47
N PHE C 98 -3.15 -15.96 -9.91
CA PHE C 98 -4.39 -15.60 -9.25
C PHE C 98 -4.55 -16.39 -7.97
N ARG C 99 -4.59 -17.71 -8.12
CA ARG C 99 -4.66 -18.62 -6.99
C ARG C 99 -3.56 -19.66 -7.17
N TYR C 100 -2.63 -19.66 -6.21
CA TYR C 100 -1.40 -20.42 -6.33
C TYR C 100 -0.66 -19.89 -7.56
N ARG C 101 -0.15 -20.81 -8.39
CA ARG C 101 0.49 -20.53 -9.69
C ARG C 101 0.58 -21.80 -10.52
N THR C 102 0.23 -21.73 -11.80
CA THR C 102 0.46 -22.85 -12.72
C THR C 102 0.85 -22.34 -14.09
N PHE C 103 1.71 -23.11 -14.74
CA PHE C 103 2.21 -22.76 -16.05
C PHE C 103 1.49 -23.48 -17.16
N GLY C 104 1.55 -22.90 -18.36
CA GLY C 104 1.08 -23.53 -19.59
C GLY C 104 2.09 -24.55 -20.13
N GLY C 105 1.67 -25.32 -21.13
CA GLY C 105 2.53 -26.30 -21.78
C GLY C 105 3.63 -25.64 -22.59
N GLY C 106 3.48 -24.33 -22.81
CA GLY C 106 4.48 -23.52 -23.52
C GLY C 106 4.36 -23.60 -25.02
N THR C 107 5.01 -22.67 -25.71
CA THR C 107 5.06 -22.69 -27.16
C THR C 107 6.42 -22.21 -27.69
N LYS C 108 6.98 -22.97 -28.64
CA LYS C 108 8.33 -22.73 -29.17
C LYS C 108 8.34 -21.78 -30.39
N LEU C 109 9.23 -20.78 -30.38
CA LEU C 109 9.48 -19.94 -31.56
C LEU C 109 10.83 -20.28 -32.27
N GLU C 110 10.75 -20.53 -33.59
CA GLU C 110 11.92 -20.74 -34.49
C GLU C 110 12.02 -19.63 -35.56
N ILE C 111 13.21 -19.45 -36.15
CA ILE C 111 13.47 -18.40 -37.18
C ILE C 111 13.96 -18.95 -38.54
N LYS C 112 13.42 -18.39 -39.63
CA LYS C 112 13.73 -18.85 -41.00
C LYS C 112 15.01 -18.27 -41.67
N ARG C 113 15.86 -19.20 -42.16
CA ARG C 113 17.08 -18.99 -43.03
C ARG C 113 17.27 -20.19 -44.00
N ALA C 114 18.42 -20.34 -44.68
CA ALA C 114 18.61 -21.18 -45.94
C ALA C 114 18.11 -22.64 -46.06
N GLY D 1 -28.92 19.00 16.56
CA GLY D 1 -27.71 19.02 17.44
C GLY D 1 -27.51 20.31 18.22
N ILE D 2 -26.44 20.36 19.00
CA ILE D 2 -26.15 21.50 19.86
C ILE D 2 -26.21 22.85 19.13
N VAL D 3 -25.76 22.84 17.88
CA VAL D 3 -25.73 24.02 17.01
C VAL D 3 -27.13 24.40 16.56
N GLU D 4 -28.03 23.42 16.55
CA GLU D 4 -29.40 23.72 16.18
C GLU D 4 -30.22 23.95 17.44
N GLN D 5 -29.87 23.22 18.49
CA GLN D 5 -30.53 23.33 19.79
C GLN D 5 -30.26 24.66 20.47
N CYS D 6 -28.97 25.06 20.50
CA CYS D 6 -28.61 26.25 21.27
C CYS D 6 -28.12 27.47 20.48
N CYS D 7 -28.00 27.37 19.16
CA CYS D 7 -27.74 28.59 18.39
C CYS D 7 -28.96 29.12 17.60
N THR D 8 -29.42 28.42 16.55
CA THR D 8 -30.61 28.89 15.80
C THR D 8 -31.73 29.13 16.81
N SER D 9 -32.08 28.06 17.53
CA SER D 9 -32.89 28.15 18.74
C SER D 9 -32.05 28.69 19.90
N ILE D 10 -32.62 29.57 20.71
CA ILE D 10 -31.88 30.10 21.85
C ILE D 10 -32.21 29.33 23.16
N CYS D 11 -31.13 28.97 23.85
CA CYS D 11 -31.01 27.85 24.80
C CYS D 11 -31.34 28.21 26.27
N SER D 12 -31.12 27.28 27.20
CA SER D 12 -31.16 27.54 28.66
C SER D 12 -30.44 26.46 29.46
N LEU D 13 -29.32 26.84 30.06
CA LEU D 13 -28.72 26.11 31.17
C LEU D 13 -28.80 24.58 31.15
N TYR D 14 -29.89 24.02 31.71
CA TYR D 14 -30.08 22.57 31.71
C TYR D 14 -29.60 22.05 30.36
N GLN D 15 -30.14 22.65 29.31
CA GLN D 15 -29.88 22.24 27.94
C GLN D 15 -28.39 21.96 27.80
N LEU D 16 -27.60 22.89 28.35
CA LEU D 16 -26.15 22.83 28.35
C LEU D 16 -25.57 21.91 29.41
N GLU D 17 -26.05 22.02 30.65
CA GLU D 17 -25.55 21.21 31.76
C GLU D 17 -25.53 19.72 31.40
N ASN D 18 -26.62 19.27 30.77
CA ASN D 18 -26.74 17.89 30.27
C ASN D 18 -25.57 17.52 29.36
N TYR D 19 -25.18 18.46 28.50
CA TYR D 19 -24.10 18.28 27.56
C TYR D 19 -22.67 18.22 28.16
N CYS D 20 -22.49 18.55 29.44
CA CYS D 20 -21.13 18.64 30.07
C CYS D 20 -20.27 17.33 30.20
N ASN D 21 -19.06 17.38 29.66
CA ASN D 21 -18.11 16.26 29.49
C ASN D 21 -17.92 15.38 30.74
N CYS E 7 -23.96 33.27 17.27
CA CYS E 7 -23.42 32.96 18.63
C CYS E 7 -22.16 32.11 18.58
N GLY E 8 -21.66 31.81 17.37
CA GLY E 8 -20.64 30.79 17.11
C GLY E 8 -19.54 30.51 18.11
N SER E 9 -18.56 31.41 18.20
CA SER E 9 -17.37 31.22 19.03
C SER E 9 -17.74 31.16 20.52
N HIS E 10 -18.79 31.91 20.89
CA HIS E 10 -19.22 32.03 22.28
C HIS E 10 -19.83 30.75 22.83
N LEU E 11 -20.53 30.02 21.97
CA LEU E 11 -21.07 28.69 22.27
C LEU E 11 -19.96 27.81 22.84
N VAL E 12 -18.74 27.99 22.33
CA VAL E 12 -17.60 27.26 22.85
C VAL E 12 -17.22 27.84 24.21
N GLU E 13 -17.14 29.16 24.28
CA GLU E 13 -16.80 29.83 25.51
C GLU E 13 -17.85 29.50 26.61
N ALA E 14 -19.12 29.73 26.30
CA ALA E 14 -20.24 29.45 27.22
C ALA E 14 -20.30 28.00 27.70
N LEU E 15 -20.04 27.05 26.81
CA LEU E 15 -20.01 25.64 27.20
C LEU E 15 -18.94 25.40 28.27
N TYR E 16 -17.83 26.11 28.17
CA TYR E 16 -16.80 25.95 29.18
C TYR E 16 -17.26 26.51 30.52
N LEU E 17 -17.77 27.74 30.52
CA LEU E 17 -18.39 28.37 31.70
C LEU E 17 -19.01 27.27 32.57
N VAL E 18 -19.93 26.54 31.94
CA VAL E 18 -20.76 25.48 32.51
C VAL E 18 -20.00 24.26 33.06
N CYS E 19 -18.93 23.86 32.39
CA CYS E 19 -18.28 22.59 32.73
C CYS E 19 -17.29 22.63 33.89
N GLY E 20 -16.14 23.29 33.69
CA GLY E 20 -14.99 23.26 34.65
C GLY E 20 -14.51 21.84 34.86
N GLU E 21 -14.87 21.00 33.89
CA GLU E 21 -15.11 19.60 34.10
C GLU E 21 -14.03 18.65 33.53
N PHE F 2 -20.06 25.43 8.33
CA PHE F 2 -18.98 24.51 8.79
C PHE F 2 -18.73 24.56 10.30
N GLU F 3 -18.67 25.76 10.88
CA GLU F 3 -18.45 25.83 12.31
C GLU F 3 -19.59 25.01 12.89
N ASP F 4 -20.71 25.08 12.17
CA ASP F 4 -21.91 24.31 12.42
C ASP F 4 -21.58 22.81 12.49
N TYR F 5 -21.12 22.26 11.37
CA TYR F 5 -20.62 20.89 11.32
C TYR F 5 -19.80 20.60 12.57
N LEU F 6 -18.72 21.37 12.73
CA LEU F 6 -17.75 21.17 13.78
C LEU F 6 -18.35 20.93 15.14
N HIS F 7 -19.28 21.77 15.52
CA HIS F 7 -19.87 21.58 16.84
C HIS F 7 -20.75 20.33 16.88
N ASN F 8 -21.71 20.29 15.96
CA ASN F 8 -22.67 19.20 15.81
C ASN F 8 -22.05 17.83 16.02
N VAL F 9 -20.77 17.74 15.70
CA VAL F 9 -20.06 16.48 15.65
C VAL F 9 -19.07 16.32 16.81
N VAL F 10 -18.47 17.42 17.25
CA VAL F 10 -17.53 17.33 18.35
C VAL F 10 -18.24 17.59 19.65
N PHE F 11 -19.19 16.77 20.07
CA PHE F 11 -19.91 17.03 21.34
C PHE F 11 -20.68 15.77 22.00
N VAL F 12 -20.08 15.21 23.15
CA VAL F 12 -20.45 14.05 24.15
C VAL F 12 -21.85 13.97 24.82
C1 NAG G . -0.12 12.19 -3.00
C2 NAG G . 0.03 13.05 -4.25
C3 NAG G . -0.95 12.58 -5.31
C4 NAG G . -0.79 11.10 -5.65
C5 NAG G . -0.84 10.29 -4.35
C6 NAG G . -0.45 8.84 -4.63
C7 NAG G . 0.79 15.31 -4.08
C8 NAG G . 0.44 16.73 -3.79
N2 NAG G . -0.20 14.44 -3.96
O3 NAG G . -0.76 13.38 -6.47
O4 NAG G . -1.62 10.63 -6.72
O5 NAG G . 0.05 10.84 -3.37
O6 NAG G . -0.98 7.99 -3.64
O7 NAG G . 1.94 15.00 -4.40
C1 NAG G . -3.05 10.52 -6.52
C2 NAG G . -3.71 10.78 -7.87
C3 NAG G . -5.16 10.27 -8.01
C4 NAG G . -5.50 8.97 -7.31
C5 NAG G . -4.77 8.90 -5.97
C6 NAG G . -4.91 7.50 -5.35
C7 NAG G . -3.30 12.77 -9.27
C8 NAG G . -3.52 14.26 -9.41
N2 NAG G . -3.80 12.21 -8.18
O3 NAG G . -5.43 10.05 -9.37
O4 NAG G . -6.91 8.98 -7.09
O5 NAG G . -3.37 9.22 -6.08
O6 NAG G . -4.20 6.54 -6.11
O7 NAG G . -2.65 12.18 -10.14
C1 BMA G . -7.79 8.17 -7.93
C2 BMA G . -9.12 8.11 -7.15
C3 BMA G . -10.36 7.76 -8.00
C4 BMA G . -10.38 8.61 -9.28
C5 BMA G . -9.12 8.31 -10.09
C6 BMA G . -9.03 9.00 -11.47
O2 BMA G . -9.35 9.36 -6.48
O3 BMA G . -11.59 7.86 -7.25
O4 BMA G . -11.59 8.38 -10.02
O5 BMA G . -7.93 8.62 -9.31
O6 BMA G . -10.28 9.08 -12.18
C1 MAN G . -11.83 6.58 -6.61
C2 MAN G . -13.31 6.19 -6.42
C3 MAN G . -13.95 6.68 -5.12
C4 MAN G . -12.96 6.70 -3.95
C5 MAN G . -11.65 7.33 -4.41
C6 MAN G . -10.66 7.57 -3.26
O2 MAN G . -13.43 4.78 -6.48
O3 MAN G . -15.06 5.86 -4.78
O4 MAN G . -13.52 7.43 -2.88
O5 MAN G . -11.11 6.48 -5.39
O6 MAN G . -9.58 6.67 -3.28
C1 NAG H . -4.36 -14.17 9.49
C2 NAG H . -3.41 -15.20 10.09
C3 NAG H . -3.10 -14.88 11.54
C4 NAG H . -2.48 -13.48 11.55
C5 NAG H . -3.52 -12.49 11.01
C6 NAG H . -3.10 -11.01 10.99
C7 NAG H . -3.47 -17.39 9.12
C8 NAG H . -4.17 -18.71 9.06
N2 NAG H . -4.00 -16.52 9.96
O3 NAG H . -2.24 -15.88 12.07
O4 NAG H . -2.01 -13.14 12.84
O5 NAG H . -3.89 -12.85 9.69
O6 NAG H . -2.22 -10.68 9.92
O7 NAG H . -2.46 -17.17 8.44
C1 NAG H . -0.65 -13.63 12.95
C2 NAG H . 0.29 -12.46 13.32
C3 NAG H . 1.36 -13.00 14.29
C4 NAG H . 0.61 -13.70 15.45
C5 NAG H . 0.02 -15.02 14.98
C6 NAG H . -1.03 -15.59 15.95
C7 NAG H . 0.34 -10.64 11.55
C8 NAG H . 1.01 -10.16 10.27
N2 NAG H . 0.79 -11.80 12.10
O3 NAG H . 2.18 -11.98 14.80
O4 NAG H . 1.38 -13.66 16.67
O5 NAG H . -0.56 -14.89 13.68
O6 NAG H . -1.82 -14.56 16.54
O7 NAG H . -0.58 -9.95 11.99
C1 BMA H . 2.14 -14.79 17.20
C2 BMA H . 3.61 -14.79 16.73
C3 BMA H . 4.50 -15.73 17.55
C4 BMA H . 4.34 -15.49 19.06
C5 BMA H . 2.86 -15.50 19.50
C6 BMA H . 2.70 -14.92 20.92
O2 BMA H . 4.17 -13.47 16.80
O3 BMA H . 5.89 -15.59 17.17
O4 BMA H . 5.07 -16.48 19.77
O5 BMA H . 2.01 -14.74 18.62
O6 BMA H . 2.36 -15.91 21.90
C1 NAG I . 5.12 0.92 24.86
C2 NAG I . 3.86 0.71 25.72
C3 NAG I . 4.35 0.55 27.17
C4 NAG I . 5.39 -0.57 27.32
C5 NAG I . 6.47 -0.56 26.23
C6 NAG I . 7.20 -1.90 26.18
C7 NAG I . 1.72 1.69 24.72
C8 NAG I . 0.82 2.89 24.70
N2 NAG I . 2.83 1.75 25.52
O3 NAG I . 3.24 0.32 28.03
O4 NAG I . 6.03 -0.52 28.59
O5 NAG I . 5.94 -0.25 24.95
O6 NAG I . 7.89 -2.09 27.40
O7 NAG I . 1.38 0.75 24.00
C1 NAG J . 13.16 10.56 5.73
C2 NAG J . 13.31 11.70 6.74
C3 NAG J . 14.79 12.07 6.96
C4 NAG J . 15.64 10.84 7.27
C5 NAG J . 15.28 9.67 6.35
C6 NAG J . 16.00 8.40 6.81
C7 NAG J . 12.68 13.61 5.27
C8 NAG J . 11.69 14.73 5.13
N2 NAG J . 12.51 12.85 6.34
O3 NAG J . 14.92 12.96 8.04
O4 NAG J . 17.01 11.19 7.19
O5 NAG J . 13.87 9.44 6.24
O6 NAG J . 15.53 8.00 8.08
O7 NAG J . 13.55 13.45 4.41
#